data_6YX5
#
_entry.id   6YX5
#
_cell.length_a   142.309
_cell.length_b   142.309
_cell.length_c   76.616
_cell.angle_alpha   90.000
_cell.angle_beta   90.000
_cell.angle_gamma   120.000
#
_symmetry.space_group_name_H-M   'P 3 2 1'
#
loop_
_entity.id
_entity.type
_entity.pdbx_description
1 polymer 'Ras-related protein Rab-8A'
2 polymer 'Multifunctional virulence effector protein DrrA'
3 non-polymer 'MAGNESIUM ION'
4 non-polymer 'PHOSPHOAMINOPHOSPHONIC ACID-GUANYLATE ESTER'
5 non-polymer alpha-D-glucopyranose
6 non-polymer '[(2~{R},3~{S},4~{R},5~{R})-5-[4-(acetamidomethyl)-1,2,3-triazol-1-yl]-3,4-bis(oxidanyl)oxolan-2-yl]methyl dihydrogen phosphate'
7 non-polymer 'SULFATE ION'
8 water water
#
loop_
_entity_poly.entity_id
_entity_poly.type
_entity_poly.pdbx_seq_one_letter_code
_entity_poly.pdbx_strand_id
1 'polypeptide(L)'
;SHMDYLFKLLLIGDSGVGKTCVLFRFSEDAFNSTFISTIGIDFKIRTIELDGKRIKLQIWDTAGQERFRTITTAYYRGAM
GIMLVYDITNEKSFDNIRNWIRNIEEHASADVEKMILGNKCDVNDKRQVSKERGEKLALDYGIKFMETSAKANINVENAF
FTLARDIKAKMDKK
;
A
2 'polypeptide(L)'
;GHMFGSLYSDERDKPLLSPTAQKKFEEYQNKLANLSKIIRENEGNEVSPWQEWENGLRQIYKEMIYDAFDALGVEMPKDM
EVHFAGSLAKAQATEYSDLDAFVIVKNDEDIKKVKPVFDALNNLCQRIFTASNQIYPDPIGINPSRLIGTPDDLFGMLKD
GMVADVEATAMSILTSKPVLPRYECGEELRDKIKQEPSFSNMVSAKKFYNKAIKDFTAPKEGAEVVSVKTHIMRPIDFML
MGLREEFNLYSEDGAHLSAPGTIRLLREKNLLPEEQIARIESVYNQAMSKRFELHAEHKKEHDEMPYSDAKAMLDEVAKI
RELGVQRVTRIENLENAKKL
;
B
#
loop_
_chem_comp.id
_chem_comp.type
_chem_comp.name
_chem_comp.formula
GLC D-saccharide, alpha linking alpha-D-glucopyranose 'C6 H12 O6'
GNP non-polymer 'PHOSPHOAMINOPHOSPHONIC ACID-GUANYLATE ESTER' 'C10 H17 N6 O13 P3'
LJN non-polymer '[(2~{R},3~{S},4~{R},5~{R})-5-[4-(acetamidomethyl)-1,2,3-triazol-1-yl]-3,4-bis(oxidanyl)oxolan-2-yl]methyl dihydrogen phosphate' 'C10 H17 N4 O8 P'
MG non-polymer 'MAGNESIUM ION' 'Mg 2'
SO4 non-polymer 'SULFATE ION' 'O4 S -2'
#
# COMPACT_ATOMS: atom_id res chain seq x y z
N SER A 1 1.89 8.19 19.04
CA SER A 1 0.69 8.98 18.64
C SER A 1 0.93 10.48 18.89
N HIS A 2 1.54 10.82 20.03
CA HIS A 2 2.19 12.15 20.24
C HIS A 2 3.36 12.27 19.25
N MET A 3 3.55 13.47 18.70
CA MET A 3 4.65 13.81 17.76
C MET A 3 5.35 15.09 18.25
N ASP A 4 6.67 15.04 18.37
CA ASP A 4 7.54 16.18 18.75
C ASP A 4 8.18 16.77 17.48
N TYR A 5 8.57 15.91 16.54
CA TYR A 5 9.15 16.27 15.22
C TYR A 5 8.62 15.31 14.13
N LEU A 6 8.48 15.84 12.92
CA LEU A 6 8.30 15.08 11.66
C LEU A 6 9.60 15.22 10.85
N PHE A 7 10.34 14.11 10.68
CA PHE A 7 11.57 14.10 9.84
C PHE A 7 11.20 13.50 8.48
N LYS A 8 11.48 14.26 7.41
CA LYS A 8 11.27 13.85 6.00
C LYS A 8 12.57 13.23 5.50
N LEU A 9 12.56 11.92 5.27
CA LEU A 9 13.75 11.17 4.81
C LEU A 9 13.54 10.75 3.36
N LEU A 10 14.65 10.68 2.62
CA LEU A 10 14.68 10.31 1.19
C LEU A 10 15.72 9.20 0.99
N LEU A 11 15.32 8.12 0.32
CA LEU A 11 16.22 7.05 -0.16
C LEU A 11 16.47 7.28 -1.66
N ILE A 12 17.74 7.39 -2.06
CA ILE A 12 18.15 7.54 -3.48
C ILE A 12 19.29 6.55 -3.75
N GLY A 13 19.54 6.24 -5.02
CA GLY A 13 20.51 5.22 -5.47
C GLY A 13 20.00 4.51 -6.72
N ASP A 14 20.90 3.80 -7.41
CA ASP A 14 20.60 3.08 -8.67
C ASP A 14 19.49 2.05 -8.43
N SER A 15 18.66 1.81 -9.44
CA SER A 15 17.67 0.71 -9.46
C SER A 15 18.40 -0.59 -9.11
N GLY A 16 17.90 -1.33 -8.11
CA GLY A 16 18.34 -2.70 -7.78
C GLY A 16 19.26 -2.78 -6.57
N VAL A 17 19.61 -1.65 -5.95
CA VAL A 17 20.63 -1.59 -4.85
C VAL A 17 19.99 -1.99 -3.51
N GLY A 18 18.66 -1.92 -3.42
CA GLY A 18 17.89 -2.45 -2.28
C GLY A 18 17.24 -1.37 -1.42
N LYS A 19 16.96 -0.20 -1.99
CA LYS A 19 16.31 0.93 -1.26
C LYS A 19 15.00 0.44 -0.65
N THR A 20 14.14 -0.20 -1.45
CA THR A 20 12.79 -0.64 -1.00
C THR A 20 12.92 -1.68 0.11
N CYS A 21 13.87 -2.62 -0.04
CA CYS A 21 14.09 -3.73 0.95
C CYS A 21 14.68 -3.14 2.23
N VAL A 22 15.56 -2.15 2.13
CA VAL A 22 16.10 -1.49 3.35
C VAL A 22 14.93 -0.88 4.13
N LEU A 23 14.00 -0.22 3.44
CA LEU A 23 12.84 0.45 4.08
C LEU A 23 11.86 -0.62 4.60
N PHE A 24 11.69 -1.71 3.85
CA PHE A 24 10.76 -2.83 4.20
C PHE A 24 11.26 -3.45 5.51
N ARG A 25 12.57 -3.66 5.62
CA ARG A 25 13.20 -4.19 6.86
C ARG A 25 12.94 -3.20 8.02
N PHE A 26 13.15 -1.91 7.79
CA PHE A 26 12.96 -0.86 8.82
C PHE A 26 11.49 -0.76 9.25
N SER A 27 10.55 -0.77 8.30
CA SER A 27 9.12 -0.45 8.54
C SER A 27 8.32 -1.70 8.95
N GLU A 28 8.71 -2.90 8.52
CA GLU A 28 7.91 -4.13 8.73
C GLU A 28 8.75 -5.27 9.32
N ASP A 29 10.06 -5.09 9.49
CA ASP A 29 11.01 -6.11 10.03
C ASP A 29 10.89 -7.42 9.24
N ALA A 30 10.91 -7.31 7.91
CA ALA A 30 10.90 -8.47 6.98
C ALA A 30 11.83 -8.18 5.81
N PHE A 31 12.15 -9.23 5.03
CA PHE A 31 12.94 -9.14 3.78
C PHE A 31 12.10 -9.73 2.62
N ASN A 32 12.08 -9.01 1.51
CA ASN A 32 11.48 -9.45 0.22
C ASN A 32 12.62 -9.81 -0.74
N SER A 33 12.70 -11.09 -1.13
CA SER A 33 13.76 -11.65 -2.01
C SER A 33 13.48 -11.28 -3.48
N THR A 34 12.23 -10.91 -3.82
CA THR A 34 11.81 -10.57 -5.20
C THR A 34 12.16 -9.10 -5.51
N PHE A 35 12.30 -8.81 -6.81
CA PHE A 35 12.65 -7.48 -7.37
C PHE A 35 11.43 -6.88 -8.04
N ILE A 36 10.66 -6.08 -7.31
CA ILE A 36 9.51 -5.30 -7.85
C ILE A 36 9.93 -3.82 -7.85
N SER A 37 10.38 -3.35 -9.01
CA SER A 37 11.00 -2.02 -9.21
C SER A 37 9.98 -0.94 -8.84
N THR A 38 10.42 0.07 -8.07
CA THR A 38 9.57 1.18 -7.61
C THR A 38 9.27 2.10 -8.81
N ILE A 39 8.02 2.53 -8.93
CA ILE A 39 7.52 3.43 -10.01
C ILE A 39 7.22 4.79 -9.36
N GLY A 40 7.84 5.85 -9.85
CA GLY A 40 7.74 7.19 -9.24
C GLY A 40 8.29 7.17 -7.82
N ILE A 41 7.44 7.36 -6.83
CA ILE A 41 7.91 7.49 -5.42
C ILE A 41 6.90 6.82 -4.49
N ASP A 42 7.41 5.98 -3.58
CA ASP A 42 6.64 5.32 -2.49
C ASP A 42 6.98 6.02 -1.17
N PHE A 43 6.17 5.81 -0.13
CA PHE A 43 6.48 6.30 1.23
C PHE A 43 5.98 5.32 2.28
N LYS A 44 6.74 5.24 3.37
CA LYS A 44 6.39 4.50 4.61
C LYS A 44 6.48 5.48 5.79
N ILE A 45 5.63 5.29 6.79
CA ILE A 45 5.65 6.03 8.09
C ILE A 45 6.20 5.10 9.15
N ARG A 46 7.11 5.58 9.98
CA ARG A 46 7.47 4.90 11.25
C ARG A 46 7.84 5.97 12.28
N THR A 47 7.23 5.92 13.46
CA THR A 47 7.56 6.80 14.61
C THR A 47 8.64 6.10 15.46
N ILE A 48 9.67 6.85 15.86
CA ILE A 48 10.75 6.38 16.76
C ILE A 48 10.86 7.35 17.94
N GLU A 49 11.65 6.98 18.95
CA GLU A 49 11.97 7.83 20.12
C GLU A 49 13.47 8.14 20.09
N LEU A 50 13.83 9.41 20.28
CA LEU A 50 15.21 9.87 20.57
C LEU A 50 15.12 10.88 21.72
N ASP A 51 15.86 10.65 22.80
CA ASP A 51 15.95 11.61 23.94
C ASP A 51 14.55 11.89 24.50
N GLY A 52 13.69 10.86 24.55
CA GLY A 52 12.32 10.97 25.11
C GLY A 52 11.37 11.72 24.19
N LYS A 53 11.80 11.99 22.96
CA LYS A 53 11.01 12.76 21.93
C LYS A 53 10.50 11.78 20.87
N ARG A 54 9.23 11.94 20.48
CA ARG A 54 8.55 11.14 19.42
C ARG A 54 8.90 11.78 18.07
N ILE A 55 9.52 10.99 17.20
CA ILE A 55 9.96 11.45 15.85
C ILE A 55 9.30 10.57 14.80
N LYS A 56 8.22 11.09 14.19
CA LYS A 56 7.54 10.47 13.03
C LYS A 56 8.47 10.60 11.82
N LEU A 57 8.95 9.48 11.29
CA LEU A 57 9.78 9.43 10.07
C LEU A 57 8.86 9.18 8.88
N GLN A 58 8.70 10.20 8.03
CA GLN A 58 8.01 10.11 6.72
C GLN A 58 9.09 9.85 5.66
N ILE A 59 9.17 8.60 5.19
CA ILE A 59 10.31 8.10 4.38
C ILE A 59 9.85 7.94 2.94
N TRP A 60 10.45 8.73 2.05
CA TRP A 60 10.21 8.69 0.59
C TRP A 60 11.16 7.66 -0.01
N ASP A 61 10.63 6.62 -0.64
CA ASP A 61 11.38 5.57 -1.38
C ASP A 61 11.27 5.87 -2.87
N THR A 62 12.37 6.33 -3.49
CA THR A 62 12.38 6.79 -4.90
C THR A 62 12.66 5.62 -5.85
N ALA A 63 12.12 5.71 -7.06
CA ALA A 63 12.54 4.91 -8.23
C ALA A 63 14.01 5.22 -8.53
N GLY A 64 14.82 4.18 -8.71
CA GLY A 64 16.20 4.28 -9.25
C GLY A 64 16.16 4.36 -10.76
N GLN A 65 15.09 3.86 -11.38
CA GLN A 65 14.89 3.96 -12.85
C GLN A 65 15.07 5.41 -13.29
N GLU A 66 15.92 5.62 -14.29
CA GLU A 66 16.30 6.94 -14.86
C GLU A 66 15.04 7.71 -15.24
N ARG A 67 14.02 6.99 -15.73
CA ARG A 67 12.78 7.59 -16.28
C ARG A 67 12.14 8.55 -15.27
N PHE A 68 12.22 8.27 -13.98
CA PHE A 68 11.48 9.02 -12.93
C PHE A 68 12.37 10.08 -12.26
N ARG A 69 13.53 10.42 -12.85
CA ARG A 69 14.55 11.27 -12.18
C ARG A 69 14.02 12.70 -12.03
N THR A 70 13.20 13.22 -12.96
CA THR A 70 12.60 14.58 -12.82
C THR A 70 11.68 14.61 -11.59
N ILE A 71 10.86 13.57 -11.40
CA ILE A 71 9.92 13.44 -10.24
C ILE A 71 10.75 13.34 -8.95
N THR A 72 11.78 12.48 -8.96
CA THR A 72 12.70 12.16 -7.84
C THR A 72 13.41 13.43 -7.37
N THR A 73 14.00 14.20 -8.30
CA THR A 73 14.82 15.40 -8.01
C THR A 73 14.01 16.43 -7.24
N ALA A 74 12.71 16.57 -7.54
CA ALA A 74 11.79 17.55 -6.92
C ALA A 74 11.69 17.33 -5.41
N TYR A 75 11.94 16.11 -4.92
CA TYR A 75 11.81 15.74 -3.48
C TYR A 75 13.07 16.10 -2.69
N TYR A 76 14.19 16.36 -3.37
CA TYR A 76 15.51 16.63 -2.73
C TYR A 76 15.36 17.85 -1.80
N ARG A 77 14.64 18.87 -2.25
CA ARG A 77 14.48 20.16 -1.54
C ARG A 77 13.85 19.91 -0.17
N GLY A 78 12.78 19.11 -0.11
CA GLY A 78 11.97 18.86 1.09
C GLY A 78 12.63 17.93 2.09
N ALA A 79 13.60 17.12 1.66
CA ALA A 79 14.29 16.08 2.48
C ALA A 79 15.10 16.75 3.59
N MET A 80 14.97 16.25 4.83
CA MET A 80 15.81 16.68 5.98
C MET A 80 16.99 15.72 6.16
N GLY A 81 16.84 14.50 5.65
CA GLY A 81 17.89 13.47 5.62
C GLY A 81 17.80 12.65 4.35
N ILE A 82 18.95 12.29 3.78
CA ILE A 82 19.03 11.52 2.50
C ILE A 82 19.95 10.33 2.73
N MET A 83 19.45 9.12 2.47
CA MET A 83 20.25 7.88 2.36
C MET A 83 20.68 7.70 0.90
N LEU A 84 21.99 7.64 0.65
CA LEU A 84 22.56 7.27 -0.67
C LEU A 84 22.93 5.79 -0.62
N VAL A 85 22.22 4.95 -1.37
CA VAL A 85 22.41 3.48 -1.32
C VAL A 85 23.13 3.04 -2.60
N TYR A 86 24.21 2.27 -2.43
CA TYR A 86 24.83 1.44 -3.50
C TYR A 86 24.80 -0.02 -3.04
N ASP A 87 25.17 -0.92 -3.95
CA ASP A 87 25.17 -2.39 -3.77
C ASP A 87 26.63 -2.87 -3.82
N ILE A 88 27.12 -3.48 -2.73
CA ILE A 88 28.54 -3.91 -2.59
C ILE A 88 28.89 -4.98 -3.64
N THR A 89 27.89 -5.60 -4.28
CA THR A 89 28.08 -6.60 -5.38
C THR A 89 28.12 -5.92 -6.76
N ASN A 90 27.86 -4.62 -6.85
CA ASN A 90 27.76 -3.87 -8.13
C ASN A 90 28.68 -2.64 -8.09
N GLU A 91 29.87 -2.75 -8.69
CA GLU A 91 30.88 -1.66 -8.83
C GLU A 91 30.21 -0.43 -9.46
N LYS A 92 29.47 -0.63 -10.55
CA LYS A 92 28.80 0.45 -11.32
C LYS A 92 27.97 1.31 -10.35
N SER A 93 27.23 0.70 -9.42
CA SER A 93 26.33 1.39 -8.47
C SER A 93 27.15 2.24 -7.48
N PHE A 94 28.34 1.78 -7.10
CA PHE A 94 29.28 2.53 -6.22
C PHE A 94 29.83 3.76 -6.96
N ASP A 95 30.20 3.60 -8.24
CA ASP A 95 30.83 4.66 -9.07
C ASP A 95 29.87 5.84 -9.22
N ASN A 96 28.56 5.58 -9.29
CA ASN A 96 27.50 6.60 -9.51
C ASN A 96 27.24 7.40 -8.22
N ILE A 97 27.75 6.96 -7.07
CA ILE A 97 27.55 7.65 -5.75
C ILE A 97 28.06 9.10 -5.86
N ARG A 98 29.14 9.35 -6.59
CA ARG A 98 29.70 10.72 -6.78
C ARG A 98 28.67 11.57 -7.54
N ASN A 99 28.01 10.99 -8.55
CA ASN A 99 26.95 11.68 -9.33
C ASN A 99 25.76 12.00 -8.41
N TRP A 100 25.29 11.01 -7.65
CA TRP A 100 24.18 11.18 -6.68
C TRP A 100 24.51 12.30 -5.70
N ILE A 101 25.76 12.37 -5.24
CA ILE A 101 26.24 13.39 -4.26
C ILE A 101 26.18 14.77 -4.93
N ARG A 102 26.63 14.88 -6.18
CA ARG A 102 26.61 16.14 -6.96
C ARG A 102 25.16 16.62 -7.11
N ASN A 103 24.21 15.70 -7.31
CA ASN A 103 22.78 16.01 -7.51
C ASN A 103 22.16 16.51 -6.20
N ILE A 104 22.52 15.90 -5.06
CA ILE A 104 22.12 16.40 -3.70
C ILE A 104 22.65 17.82 -3.52
N GLU A 105 23.93 18.05 -3.81
CA GLU A 105 24.58 19.38 -3.68
C GLU A 105 23.77 20.42 -4.48
N GLU A 106 23.31 20.05 -5.68
CA GLU A 106 22.66 20.98 -6.64
C GLU A 106 21.20 21.24 -6.25
N HIS A 107 20.44 20.23 -5.82
CA HIS A 107 18.95 20.30 -5.74
C HIS A 107 18.46 20.26 -4.29
N ALA A 108 19.25 19.68 -3.37
CA ALA A 108 18.86 19.51 -1.95
C ALA A 108 19.09 20.83 -1.21
N SER A 109 18.53 20.94 0.00
CA SER A 109 18.71 22.06 0.94
C SER A 109 20.17 22.09 1.43
N ALA A 110 20.69 23.28 1.73
CA ALA A 110 22.11 23.56 2.05
C ALA A 110 22.61 22.64 3.18
N ASP A 111 21.80 22.46 4.23
CA ASP A 111 22.22 21.79 5.51
C ASP A 111 21.53 20.43 5.65
N VAL A 112 21.29 19.72 4.55
CA VAL A 112 20.62 18.39 4.54
C VAL A 112 21.61 17.34 5.05
N GLU A 113 21.17 16.50 6.01
CA GLU A 113 21.96 15.36 6.52
C GLU A 113 22.02 14.28 5.44
N LYS A 114 23.19 13.68 5.26
CA LYS A 114 23.48 12.64 4.24
C LYS A 114 24.03 11.41 4.95
N MET A 115 23.77 10.22 4.41
CA MET A 115 24.44 8.97 4.83
C MET A 115 24.60 8.05 3.61
N ILE A 116 25.76 7.44 3.47
CA ILE A 116 26.03 6.42 2.40
C ILE A 116 25.84 5.04 3.02
N LEU A 117 24.99 4.22 2.40
CA LEU A 117 24.75 2.80 2.76
C LEU A 117 25.31 1.91 1.64
N GLY A 118 26.28 1.06 1.97
CA GLY A 118 26.72 -0.08 1.13
C GLY A 118 25.87 -1.29 1.45
N ASN A 119 24.79 -1.51 0.70
CA ASN A 119 23.76 -2.53 1.00
C ASN A 119 24.19 -3.88 0.39
N LYS A 120 23.55 -4.96 0.85
CA LYS A 120 23.77 -6.37 0.43
C LYS A 120 25.12 -6.86 0.97
N CYS A 121 25.48 -6.43 2.19
CA CYS A 121 26.78 -6.78 2.82
C CYS A 121 26.76 -8.24 3.30
N ASP A 122 25.63 -8.93 3.17
CA ASP A 122 25.50 -10.38 3.41
C ASP A 122 26.10 -11.18 2.23
N VAL A 123 26.27 -10.57 1.05
CA VAL A 123 26.65 -11.29 -0.21
C VAL A 123 28.15 -11.12 -0.45
N ASN A 124 28.97 -11.64 0.45
CA ASN A 124 30.44 -11.43 0.50
C ASN A 124 31.11 -12.16 -0.69
N ASP A 125 30.54 -13.26 -1.16
CA ASP A 125 31.12 -14.11 -2.24
C ASP A 125 30.94 -13.43 -3.60
N LYS A 126 30.13 -12.36 -3.70
CA LYS A 126 29.90 -11.61 -4.97
C LYS A 126 30.34 -10.15 -4.82
N ARG A 127 30.94 -9.79 -3.67
CA ARG A 127 31.37 -8.40 -3.38
C ARG A 127 32.29 -7.90 -4.51
N GLN A 128 32.01 -6.69 -5.02
CA GLN A 128 32.86 -5.99 -6.02
C GLN A 128 33.48 -4.73 -5.39
N VAL A 129 32.92 -4.22 -4.30
CA VAL A 129 33.37 -2.96 -3.64
C VAL A 129 33.81 -3.29 -2.21
N SER A 130 35.13 -3.23 -1.94
CA SER A 130 35.70 -3.43 -0.59
C SER A 130 35.08 -2.41 0.37
N LYS A 131 34.92 -2.79 1.65
CA LYS A 131 34.35 -1.94 2.72
C LYS A 131 35.17 -0.64 2.81
N GLU A 132 36.51 -0.76 2.78
CA GLU A 132 37.46 0.36 2.99
C GLU A 132 37.28 1.41 1.88
N ARG A 133 37.04 0.98 0.63
CA ARG A 133 36.78 1.91 -0.51
C ARG A 133 35.51 2.72 -0.21
N GLY A 134 34.46 2.05 0.29
CA GLY A 134 33.23 2.70 0.77
C GLY A 134 33.52 3.75 1.84
N GLU A 135 34.24 3.36 2.89
CA GLU A 135 34.60 4.26 4.04
C GLU A 135 35.44 5.43 3.50
N LYS A 136 36.32 5.16 2.53
CA LYS A 136 37.30 6.12 1.97
C LYS A 136 36.56 7.21 1.17
N LEU A 137 35.65 6.81 0.29
CA LEU A 137 34.80 7.74 -0.51
C LEU A 137 33.96 8.59 0.44
N ALA A 138 33.37 7.96 1.46
CA ALA A 138 32.52 8.60 2.49
C ALA A 138 33.35 9.63 3.27
N LEU A 139 34.55 9.26 3.70
CA LEU A 139 35.47 10.14 4.49
C LEU A 139 35.83 11.37 3.64
N ASP A 140 36.06 11.19 2.34
CA ASP A 140 36.45 12.26 1.38
C ASP A 140 35.36 13.32 1.27
N TYR A 141 34.07 12.96 1.45
CA TYR A 141 32.92 13.89 1.35
C TYR A 141 32.44 14.31 2.75
N GLY A 142 33.12 13.85 3.81
CA GLY A 142 32.71 14.06 5.21
C GLY A 142 31.30 13.57 5.49
N ILE A 143 30.89 12.45 4.88
CA ILE A 143 29.53 11.83 5.02
C ILE A 143 29.66 10.51 5.78
N LYS A 144 28.76 10.23 6.72
CA LYS A 144 28.71 8.97 7.50
C LYS A 144 28.44 7.77 6.58
N PHE A 145 29.04 6.63 6.89
CA PHE A 145 29.04 5.40 6.07
C PHE A 145 28.71 4.19 6.94
N MET A 146 27.85 3.31 6.44
CA MET A 146 27.53 1.98 7.03
C MET A 146 27.34 0.99 5.88
N GLU A 147 27.90 -0.22 6.02
CA GLU A 147 27.45 -1.39 5.22
C GLU A 147 26.17 -1.90 5.87
N THR A 148 25.17 -2.22 5.05
CA THR A 148 23.81 -2.67 5.50
C THR A 148 23.46 -3.98 4.80
N SER A 149 22.54 -4.75 5.39
CA SER A 149 21.87 -5.92 4.77
C SER A 149 20.39 -5.88 5.16
N ALA A 150 19.52 -5.66 4.20
CA ALA A 150 18.06 -5.81 4.40
C ALA A 150 17.77 -7.28 4.72
N LYS A 151 18.49 -8.20 4.07
CA LYS A 151 18.28 -9.67 4.17
C LYS A 151 18.69 -10.15 5.57
N ALA A 152 19.92 -9.85 6.00
CA ALA A 152 20.50 -10.36 7.26
C ALA A 152 20.20 -9.40 8.40
N ASN A 153 19.45 -8.32 8.13
CA ASN A 153 19.03 -7.32 9.15
C ASN A 153 20.27 -6.78 9.85
N ILE A 154 21.23 -6.27 9.08
CA ILE A 154 22.53 -5.72 9.58
C ILE A 154 22.56 -4.21 9.33
N ASN A 155 22.62 -3.42 10.42
CA ASN A 155 22.84 -1.96 10.46
C ASN A 155 21.67 -1.19 9.83
N VAL A 156 20.52 -1.82 9.55
CA VAL A 156 19.36 -1.10 8.95
C VAL A 156 18.76 -0.16 10.01
N GLU A 157 18.47 -0.68 11.21
CA GLU A 157 17.93 0.10 12.36
C GLU A 157 18.93 1.21 12.72
N ASN A 158 20.21 0.85 12.82
CA ASN A 158 21.32 1.76 13.23
C ASN A 158 21.43 2.92 12.23
N ALA A 159 21.37 2.64 10.93
CA ALA A 159 21.45 3.64 9.83
C ALA A 159 20.36 4.70 10.03
N PHE A 160 19.10 4.30 10.20
CA PHE A 160 17.93 5.20 10.26
C PHE A 160 17.97 6.02 11.54
N PHE A 161 18.35 5.42 12.67
CA PHE A 161 18.42 6.08 14.00
C PHE A 161 19.60 7.07 14.03
N THR A 162 20.72 6.73 13.37
CA THR A 162 21.94 7.58 13.27
C THR A 162 21.64 8.80 12.40
N LEU A 163 20.96 8.62 11.27
CA LEU A 163 20.54 9.73 10.38
C LEU A 163 19.57 10.64 11.13
N ALA A 164 18.59 10.07 11.83
CA ALA A 164 17.57 10.82 12.61
C ALA A 164 18.24 11.57 13.77
N ARG A 165 19.23 10.96 14.42
CA ARG A 165 20.03 11.59 15.51
C ARG A 165 20.76 12.82 14.98
N ASP A 166 21.43 12.69 13.82
CA ASP A 166 22.19 13.78 13.17
C ASP A 166 21.24 14.94 12.84
N ILE A 167 20.06 14.64 12.29
CA ILE A 167 18.99 15.65 11.99
C ILE A 167 18.62 16.35 13.30
N LYS A 168 18.33 15.57 14.35
CA LYS A 168 17.81 16.09 15.64
C LYS A 168 18.85 17.01 16.29
N ALA A 169 20.12 16.61 16.27
CA ALA A 169 21.28 17.36 16.83
C ALA A 169 21.45 18.69 16.08
N LYS A 170 21.25 18.67 14.75
CA LYS A 170 21.37 19.87 13.88
C LYS A 170 20.31 20.89 14.31
N MET A 171 19.04 20.48 14.39
CA MET A 171 17.91 21.43 14.58
C MET A 171 17.68 21.74 16.07
N ASP A 172 18.28 20.98 16.99
CA ASP A 172 18.17 21.25 18.45
C ASP A 172 18.92 22.54 18.80
N LYS A 173 20.08 22.77 18.17
CA LYS A 173 21.01 23.90 18.46
C LYS A 173 20.28 25.24 18.24
N HIS B 2 -14.01 -0.94 -39.95
CA HIS B 2 -13.55 0.33 -39.34
C HIS B 2 -12.02 0.32 -39.23
N MET B 3 -11.45 0.95 -38.20
CA MET B 3 -10.02 1.35 -38.14
C MET B 3 -9.37 0.77 -36.88
N PHE B 4 -8.04 0.69 -36.86
CA PHE B 4 -7.24 0.28 -35.69
C PHE B 4 -7.56 1.24 -34.53
N GLY B 5 -7.50 0.72 -33.30
CA GLY B 5 -7.71 1.51 -32.07
C GLY B 5 -6.39 1.96 -31.48
N SER B 6 -6.35 3.14 -30.87
CA SER B 6 -5.23 3.57 -30.00
C SER B 6 -5.27 2.74 -28.71
N LEU B 7 -4.21 2.80 -27.91
CA LEU B 7 -4.04 1.99 -26.68
C LEU B 7 -5.19 2.25 -25.70
N TYR B 8 -5.82 3.44 -25.76
CA TYR B 8 -6.85 3.92 -24.80
C TYR B 8 -8.23 3.94 -25.45
N SER B 9 -8.36 3.36 -26.64
CA SER B 9 -9.65 3.20 -27.38
C SER B 9 -10.56 2.26 -26.58
N ASP B 10 -11.88 2.45 -26.72
CA ASP B 10 -12.92 1.52 -26.22
C ASP B 10 -12.94 0.27 -27.12
N GLU B 11 -12.74 -0.92 -26.55
CA GLU B 11 -12.61 -2.19 -27.30
C GLU B 11 -13.92 -2.52 -28.04
N ARG B 12 -15.07 -1.99 -27.59
CA ARG B 12 -16.38 -2.17 -28.26
C ARG B 12 -16.40 -1.39 -29.59
N ASP B 13 -15.68 -0.27 -29.69
CA ASP B 13 -15.58 0.56 -30.92
C ASP B 13 -14.36 0.13 -31.74
N LYS B 14 -13.31 -0.36 -31.09
CA LYS B 14 -12.00 -0.67 -31.72
C LYS B 14 -11.49 -2.01 -31.21
N PRO B 15 -12.02 -3.15 -31.72
CA PRO B 15 -11.60 -4.47 -31.25
C PRO B 15 -10.10 -4.72 -31.47
N LEU B 16 -9.51 -4.15 -32.54
CA LEU B 16 -8.08 -4.35 -32.93
C LEU B 16 -7.27 -3.10 -32.63
N LEU B 17 -6.19 -3.24 -31.85
CA LEU B 17 -5.21 -2.18 -31.58
C LEU B 17 -4.28 -2.01 -32.80
N SER B 18 -3.84 -0.78 -33.06
CA SER B 18 -2.69 -0.48 -33.97
C SER B 18 -1.49 -1.31 -33.56
N PRO B 19 -0.55 -1.62 -34.48
CA PRO B 19 0.67 -2.37 -34.13
C PRO B 19 1.44 -1.81 -32.93
N THR B 20 1.47 -0.48 -32.80
CA THR B 20 2.17 0.25 -31.71
C THR B 20 1.41 0.02 -30.39
N ALA B 21 0.11 0.31 -30.37
CA ALA B 21 -0.76 0.13 -29.18
C ALA B 21 -0.70 -1.33 -28.74
N GLN B 22 -0.70 -2.27 -29.68
CA GLN B 22 -0.70 -3.73 -29.40
C GLN B 22 0.59 -4.12 -28.66
N LYS B 23 1.75 -3.62 -29.09
CA LYS B 23 3.06 -3.93 -28.44
C LYS B 23 3.01 -3.47 -26.98
N LYS B 24 2.45 -2.29 -26.74
CA LYS B 24 2.32 -1.67 -25.39
C LYS B 24 1.30 -2.45 -24.55
N PHE B 25 0.15 -2.81 -25.12
CA PHE B 25 -0.86 -3.66 -24.45
C PHE B 25 -0.21 -4.95 -23.96
N GLU B 26 0.58 -5.60 -24.82
CA GLU B 26 1.26 -6.89 -24.51
C GLU B 26 2.31 -6.68 -23.40
N GLU B 27 3.00 -5.54 -23.39
CA GLU B 27 3.99 -5.20 -22.34
C GLU B 27 3.29 -5.27 -20.98
N TYR B 28 2.12 -4.64 -20.85
CA TYR B 28 1.29 -4.64 -19.61
C TYR B 28 0.87 -6.07 -19.28
N GLN B 29 0.36 -6.82 -20.25
CA GLN B 29 -0.06 -8.24 -20.06
C GLN B 29 1.14 -9.03 -19.53
N ASN B 30 2.33 -8.83 -20.10
CA ASN B 30 3.57 -9.53 -19.69
C ASN B 30 3.92 -9.18 -18.24
N LYS B 31 3.76 -7.91 -17.84
CA LYS B 31 4.04 -7.47 -16.44
C LYS B 31 3.14 -8.25 -15.47
N LEU B 32 1.84 -8.33 -15.74
CA LEU B 32 0.87 -9.08 -14.90
C LEU B 32 1.25 -10.57 -14.85
N ALA B 33 1.61 -11.17 -15.99
CA ALA B 33 2.01 -12.59 -16.11
C ALA B 33 3.30 -12.82 -15.31
N ASN B 34 4.29 -11.95 -15.47
CA ASN B 34 5.60 -12.04 -14.77
C ASN B 34 5.36 -11.98 -13.26
N LEU B 35 4.48 -11.08 -12.80
CA LEU B 35 4.19 -10.88 -11.35
C LEU B 35 3.64 -12.19 -10.77
N SER B 36 2.66 -12.80 -11.45
CA SER B 36 2.11 -14.14 -11.08
C SER B 36 3.25 -15.17 -11.05
N LYS B 37 4.15 -15.14 -12.02
CA LYS B 37 5.27 -16.10 -12.14
C LYS B 37 6.24 -15.89 -10.97
N ILE B 38 6.56 -14.64 -10.63
CA ILE B 38 7.47 -14.25 -9.51
C ILE B 38 6.91 -14.79 -8.18
N ILE B 39 5.59 -14.67 -7.98
CA ILE B 39 4.88 -15.17 -6.76
C ILE B 39 5.04 -16.70 -6.67
N ARG B 40 4.77 -17.46 -7.73
CA ARG B 40 4.89 -18.95 -7.76
C ARG B 40 6.34 -19.37 -7.46
N GLU B 41 7.32 -18.79 -8.16
CA GLU B 41 8.74 -19.21 -8.13
C GLU B 41 9.29 -19.10 -6.71
N ASN B 42 8.91 -18.05 -5.96
CA ASN B 42 9.47 -17.74 -4.61
C ASN B 42 8.50 -18.21 -3.52
N GLU B 43 7.91 -19.39 -3.69
CA GLU B 43 6.99 -20.03 -2.70
C GLU B 43 7.70 -20.18 -1.35
N GLY B 44 7.06 -19.74 -0.27
CA GLY B 44 7.57 -19.81 1.11
C GLY B 44 8.32 -18.55 1.51
N ASN B 45 8.33 -17.53 0.66
CA ASN B 45 8.82 -16.15 0.98
C ASN B 45 8.02 -15.68 2.20
N GLU B 46 8.65 -14.92 3.10
CA GLU B 46 8.00 -14.38 4.32
C GLU B 46 6.99 -13.30 3.92
N VAL B 47 7.05 -12.80 2.69
CA VAL B 47 5.97 -11.96 2.07
C VAL B 47 4.97 -12.90 1.40
N SER B 48 3.71 -12.83 1.83
CA SER B 48 2.57 -13.65 1.34
C SER B 48 2.35 -13.40 -0.16
N PRO B 49 1.78 -14.38 -0.90
CA PRO B 49 1.40 -14.16 -2.30
C PRO B 49 0.54 -12.91 -2.52
N TRP B 50 -0.40 -12.63 -1.62
CA TRP B 50 -1.38 -11.53 -1.78
C TRP B 50 -0.72 -10.17 -1.44
N GLN B 51 0.18 -10.12 -0.46
CA GLN B 51 0.98 -8.90 -0.16
C GLN B 51 1.88 -8.58 -1.36
N GLU B 52 2.50 -9.61 -1.96
CA GLU B 52 3.40 -9.48 -3.14
C GLU B 52 2.59 -8.98 -4.34
N TRP B 53 1.40 -9.54 -4.55
CA TRP B 53 0.51 -9.15 -5.67
C TRP B 53 0.14 -7.66 -5.57
N GLU B 54 -0.29 -7.19 -4.41
CA GLU B 54 -0.74 -5.79 -4.23
C GLU B 54 0.43 -4.85 -4.54
N ASN B 55 1.64 -5.21 -4.10
CA ASN B 55 2.90 -4.44 -4.32
C ASN B 55 3.18 -4.35 -5.83
N GLY B 56 3.23 -5.51 -6.50
CA GLY B 56 3.42 -5.61 -7.95
C GLY B 56 2.35 -4.83 -8.71
N LEU B 57 1.08 -5.01 -8.35
CA LEU B 57 -0.05 -4.39 -9.13
C LEU B 57 -0.03 -2.87 -8.92
N ARG B 58 0.30 -2.40 -7.72
CA ARG B 58 0.37 -0.93 -7.46
C ARG B 58 1.47 -0.32 -8.34
N GLN B 59 2.63 -0.96 -8.46
CA GLN B 59 3.73 -0.45 -9.33
C GLN B 59 3.26 -0.47 -10.79
N ILE B 60 2.62 -1.55 -11.25
CA ILE B 60 2.10 -1.68 -12.64
C ILE B 60 1.06 -0.58 -12.91
N TYR B 61 0.09 -0.41 -12.03
CA TYR B 61 -1.00 0.58 -12.20
C TYR B 61 -0.41 2.01 -12.24
N LYS B 62 0.51 2.31 -11.33
CA LYS B 62 1.23 3.62 -11.31
C LYS B 62 1.89 3.85 -12.67
N GLU B 63 2.52 2.82 -13.24
CA GLU B 63 3.23 2.92 -14.54
C GLU B 63 2.19 3.21 -15.63
N MET B 64 1.04 2.55 -15.58
CA MET B 64 -0.09 2.78 -16.52
C MET B 64 -0.55 4.24 -16.40
N ILE B 65 -0.63 4.77 -15.17
CA ILE B 65 -1.06 6.19 -14.95
C ILE B 65 -0.04 7.14 -15.60
N TYR B 66 1.26 6.99 -15.31
CA TYR B 66 2.31 7.90 -15.86
C TYR B 66 2.29 7.82 -17.39
N ASP B 67 2.28 6.60 -17.94
CA ASP B 67 2.20 6.33 -19.40
C ASP B 67 1.00 7.08 -20.00
N ALA B 68 -0.17 7.04 -19.35
CA ALA B 68 -1.44 7.61 -19.86
C ALA B 68 -1.35 9.14 -19.90
N PHE B 69 -0.84 9.77 -18.84
CA PHE B 69 -0.63 11.24 -18.77
C PHE B 69 0.31 11.66 -19.89
N ASP B 70 1.40 10.91 -20.10
CA ASP B 70 2.39 11.17 -21.18
C ASP B 70 1.72 11.04 -22.55
N ALA B 71 0.94 9.97 -22.76
CA ALA B 71 0.30 9.65 -24.06
C ALA B 71 -0.71 10.73 -24.46
N LEU B 72 -1.55 11.18 -23.52
CA LEU B 72 -2.65 12.15 -23.81
C LEU B 72 -2.13 13.59 -23.70
N GLY B 73 -0.84 13.78 -23.42
CA GLY B 73 -0.20 15.12 -23.36
C GLY B 73 -0.78 15.98 -22.26
N VAL B 74 -1.09 15.38 -21.10
CA VAL B 74 -1.67 16.07 -19.91
C VAL B 74 -0.67 15.95 -18.76
N GLU B 75 -0.36 17.07 -18.10
CA GLU B 75 0.56 17.09 -16.95
C GLU B 75 -0.23 16.65 -15.70
N MET B 76 0.36 15.80 -14.87
CA MET B 76 -0.27 15.28 -13.64
C MET B 76 -0.27 16.38 -12.58
N PRO B 77 -1.45 16.87 -12.12
CA PRO B 77 -1.45 17.88 -11.06
C PRO B 77 -0.72 17.34 -9.82
N LYS B 78 0.01 18.21 -9.13
CA LYS B 78 0.77 17.89 -7.89
C LYS B 78 -0.19 17.61 -6.72
N ASP B 79 -1.39 18.20 -6.72
CA ASP B 79 -2.34 18.07 -5.59
C ASP B 79 -3.46 17.08 -5.95
N MET B 80 -3.18 16.14 -6.85
CA MET B 80 -4.11 15.04 -7.21
C MET B 80 -3.69 13.78 -6.45
N GLU B 81 -4.67 13.11 -5.81
CA GLU B 81 -4.47 11.83 -5.08
C GLU B 81 -5.20 10.72 -5.86
N VAL B 82 -4.55 9.56 -5.96
CA VAL B 82 -5.18 8.29 -6.41
C VAL B 82 -5.19 7.34 -5.21
N HIS B 83 -6.34 6.72 -4.93
CA HIS B 83 -6.53 5.79 -3.78
C HIS B 83 -7.01 4.45 -4.31
N PHE B 84 -6.42 3.36 -3.82
CA PHE B 84 -6.99 1.98 -3.92
C PHE B 84 -8.08 1.83 -2.86
N ALA B 85 -9.16 1.12 -3.18
CA ALA B 85 -10.21 0.67 -2.24
C ALA B 85 -10.30 -0.86 -2.32
N GLY B 86 -11.28 -1.47 -1.64
CA GLY B 86 -11.52 -2.92 -1.65
C GLY B 86 -10.34 -3.71 -1.11
N SER B 87 -10.16 -4.93 -1.62
CA SER B 87 -9.17 -5.92 -1.12
C SER B 87 -7.76 -5.40 -1.36
N LEU B 88 -7.58 -4.67 -2.46
CA LEU B 88 -6.27 -4.14 -2.89
C LEU B 88 -5.77 -3.15 -1.82
N ALA B 89 -6.64 -2.26 -1.31
CA ALA B 89 -6.31 -1.31 -0.21
C ALA B 89 -5.83 -2.07 1.04
N LYS B 90 -6.39 -3.26 1.30
CA LYS B 90 -6.06 -4.10 2.48
C LYS B 90 -4.93 -5.08 2.14
N ALA B 91 -4.39 -5.03 0.92
CA ALA B 91 -3.36 -5.98 0.42
C ALA B 91 -3.83 -7.42 0.61
N GLN B 92 -5.09 -7.71 0.30
CA GLN B 92 -5.67 -9.08 0.32
C GLN B 92 -6.50 -9.32 -0.96
N ALA B 93 -6.11 -8.65 -2.04
CA ALA B 93 -6.75 -8.91 -3.34
C ALA B 93 -6.06 -10.12 -3.94
N THR B 94 -6.79 -10.95 -4.68
CA THR B 94 -6.17 -12.08 -5.41
C THR B 94 -5.80 -11.60 -6.81
N GLU B 95 -5.28 -12.49 -7.65
CA GLU B 95 -4.95 -12.16 -9.07
C GLU B 95 -6.21 -11.81 -9.87
N TYR B 96 -7.36 -12.38 -9.52
CA TYR B 96 -8.63 -12.18 -10.26
C TYR B 96 -9.57 -11.17 -9.56
N SER B 97 -9.08 -10.45 -8.55
CA SER B 97 -9.89 -9.41 -7.85
C SER B 97 -10.09 -8.18 -8.75
N ASP B 98 -11.12 -7.38 -8.46
CA ASP B 98 -11.39 -6.13 -9.21
C ASP B 98 -10.35 -5.05 -8.86
N LEU B 99 -10.15 -4.08 -9.75
CA LEU B 99 -9.24 -2.96 -9.41
C LEU B 99 -10.09 -1.75 -9.05
N ASP B 100 -10.29 -1.53 -7.75
CA ASP B 100 -11.07 -0.40 -7.18
C ASP B 100 -10.10 0.73 -6.87
N ALA B 101 -10.25 1.85 -7.57
CA ALA B 101 -9.43 3.07 -7.41
C ALA B 101 -10.34 4.27 -7.57
N PHE B 102 -10.01 5.39 -6.94
CA PHE B 102 -10.73 6.68 -7.11
C PHE B 102 -9.73 7.83 -6.97
N VAL B 103 -10.15 9.02 -7.35
CA VAL B 103 -9.26 10.21 -7.49
C VAL B 103 -9.85 11.35 -6.68
N ILE B 104 -9.05 11.93 -5.79
CA ILE B 104 -9.36 13.20 -5.09
C ILE B 104 -8.46 14.28 -5.70
N VAL B 105 -9.06 15.36 -6.18
CA VAL B 105 -8.36 16.58 -6.68
C VAL B 105 -8.59 17.71 -5.67
N LYS B 106 -7.70 18.69 -5.62
CA LYS B 106 -7.82 19.84 -4.69
C LYS B 106 -8.84 20.83 -5.27
N ASN B 107 -8.78 21.08 -6.58
CA ASN B 107 -9.62 22.10 -7.27
C ASN B 107 -10.52 21.44 -8.30
N ASP B 108 -11.79 21.85 -8.35
CA ASP B 108 -12.85 21.34 -9.28
C ASP B 108 -12.38 21.36 -10.73
N GLU B 109 -11.61 22.39 -11.13
CA GLU B 109 -11.20 22.62 -12.53
C GLU B 109 -10.14 21.58 -12.96
N ASP B 110 -9.48 20.91 -12.00
CA ASP B 110 -8.56 19.79 -12.29
C ASP B 110 -9.33 18.64 -12.94
N ILE B 111 -10.60 18.44 -12.55
CA ILE B 111 -11.47 17.32 -13.03
C ILE B 111 -11.48 17.32 -14.57
N LYS B 112 -11.80 18.45 -15.19
CA LYS B 112 -11.91 18.59 -16.67
C LYS B 112 -10.60 18.14 -17.32
N LYS B 113 -9.47 18.48 -16.70
CA LYS B 113 -8.11 18.21 -17.23
C LYS B 113 -7.77 16.72 -17.06
N VAL B 114 -8.22 16.11 -15.96
CA VAL B 114 -7.70 14.80 -15.46
C VAL B 114 -8.65 13.66 -15.86
N LYS B 115 -9.96 13.90 -15.89
CA LYS B 115 -11.00 12.85 -16.10
C LYS B 115 -10.80 12.17 -17.45
N PRO B 116 -10.42 12.88 -18.54
CA PRO B 116 -10.10 12.21 -19.82
C PRO B 116 -9.01 11.13 -19.69
N VAL B 117 -7.99 11.39 -18.89
CA VAL B 117 -6.86 10.43 -18.69
C VAL B 117 -7.40 9.17 -17.99
N PHE B 118 -8.32 9.34 -17.03
CA PHE B 118 -8.88 8.22 -16.23
C PHE B 118 -9.96 7.48 -17.04
N ASP B 119 -10.65 8.16 -17.96
CA ASP B 119 -11.53 7.50 -18.98
C ASP B 119 -10.64 6.58 -19.83
N ALA B 120 -9.53 7.10 -20.36
CA ALA B 120 -8.54 6.36 -21.17
C ALA B 120 -8.07 5.12 -20.40
N LEU B 121 -7.68 5.28 -19.13
CA LEU B 121 -7.19 4.16 -18.29
C LEU B 121 -8.27 3.10 -18.10
N ASN B 122 -9.53 3.49 -17.93
CA ASN B 122 -10.65 2.54 -17.72
C ASN B 122 -10.79 1.68 -18.97
N ASN B 123 -10.68 2.28 -20.16
CA ASN B 123 -10.76 1.59 -21.47
C ASN B 123 -9.67 0.51 -21.54
N LEU B 124 -8.43 0.87 -21.19
CA LEU B 124 -7.25 -0.04 -21.21
C LEU B 124 -7.51 -1.18 -20.21
N CYS B 125 -7.87 -0.84 -18.97
CA CYS B 125 -8.15 -1.83 -17.90
C CYS B 125 -9.23 -2.81 -18.36
N GLN B 126 -10.32 -2.30 -18.93
CA GLN B 126 -11.44 -3.11 -19.47
C GLN B 126 -10.92 -4.06 -20.55
N ARG B 127 -10.05 -3.56 -21.45
CA ARG B 127 -9.46 -4.38 -22.54
C ARG B 127 -8.61 -5.51 -21.95
N ILE B 128 -7.80 -5.21 -20.93
CA ILE B 128 -7.03 -6.22 -20.15
C ILE B 128 -7.99 -7.21 -19.48
N PHE B 129 -9.09 -6.72 -18.90
CA PHE B 129 -10.09 -7.58 -18.21
C PHE B 129 -10.64 -8.60 -19.21
N THR B 130 -11.09 -8.13 -20.37
CA THR B 130 -11.65 -8.95 -21.48
C THR B 130 -10.64 -10.03 -21.88
N ALA B 131 -9.34 -9.70 -21.81
CA ALA B 131 -8.28 -10.63 -22.25
C ALA B 131 -7.89 -11.64 -21.17
N SER B 132 -7.63 -11.19 -19.95
CA SER B 132 -7.14 -12.12 -18.89
C SER B 132 -8.08 -12.24 -17.69
N ASN B 133 -9.26 -11.61 -17.73
CA ASN B 133 -10.25 -11.61 -16.61
C ASN B 133 -9.62 -11.01 -15.34
N GLN B 134 -8.81 -9.96 -15.50
CA GLN B 134 -8.08 -9.34 -14.36
C GLN B 134 -8.31 -7.81 -14.37
N ILE B 135 -8.07 -7.18 -13.22
CA ILE B 135 -8.19 -5.70 -12.98
C ILE B 135 -9.48 -5.12 -13.55
N TYR B 136 -10.61 -5.80 -13.34
CA TYR B 136 -11.95 -5.32 -13.74
C TYR B 136 -12.17 -3.92 -13.17
N PRO B 137 -12.44 -2.91 -14.03
CA PRO B 137 -12.93 -1.61 -13.56
C PRO B 137 -14.46 -1.59 -13.54
N ASP B 138 -15.07 -1.64 -12.35
CA ASP B 138 -16.54 -1.74 -12.16
C ASP B 138 -17.18 -0.42 -12.57
N PRO B 139 -18.04 -0.40 -13.63
CA PRO B 139 -18.66 0.84 -14.08
C PRO B 139 -19.72 1.39 -13.10
N ILE B 140 -20.28 0.54 -12.23
CA ILE B 140 -21.28 0.94 -11.20
C ILE B 140 -20.62 0.91 -9.81
N GLY B 141 -19.29 0.77 -9.74
CA GLY B 141 -18.53 0.67 -8.47
C GLY B 141 -17.45 1.74 -8.36
N ILE B 142 -16.33 1.38 -7.72
CA ILE B 142 -15.18 2.29 -7.41
C ILE B 142 -14.22 2.27 -8.59
N ASN B 143 -14.34 3.23 -9.50
CA ASN B 143 -13.37 3.47 -10.60
C ASN B 143 -13.07 4.95 -10.65
N PRO B 144 -11.86 5.35 -11.11
CA PRO B 144 -11.43 6.75 -11.04
C PRO B 144 -12.17 7.68 -12.01
N SER B 145 -12.99 7.13 -12.91
CA SER B 145 -13.83 7.89 -13.87
C SER B 145 -15.17 8.25 -13.23
N ARG B 146 -15.74 7.36 -12.41
CA ARG B 146 -17.02 7.58 -11.70
C ARG B 146 -16.78 8.43 -10.45
N LEU B 147 -15.78 8.06 -9.64
CA LEU B 147 -15.44 8.75 -8.37
C LEU B 147 -14.18 9.60 -8.56
N ILE B 148 -14.37 10.85 -8.99
CA ILE B 148 -13.30 11.88 -9.09
C ILE B 148 -13.89 13.23 -8.65
N GLY B 149 -13.21 13.92 -7.74
CA GLY B 149 -13.62 15.26 -7.30
C GLY B 149 -12.86 15.72 -6.08
N THR B 150 -13.19 16.91 -5.59
CA THR B 150 -12.68 17.49 -4.33
C THR B 150 -13.27 16.69 -3.17
N PRO B 151 -12.67 16.77 -1.96
CA PRO B 151 -13.30 16.17 -0.78
C PRO B 151 -14.77 16.61 -0.61
N ASP B 152 -15.06 17.88 -0.88
CA ASP B 152 -16.43 18.48 -0.81
C ASP B 152 -17.36 17.74 -1.79
N ASP B 153 -16.98 17.64 -3.05
CA ASP B 153 -17.73 16.94 -4.13
C ASP B 153 -18.07 15.51 -3.70
N LEU B 154 -17.07 14.72 -3.30
CA LEU B 154 -17.21 13.28 -3.02
C LEU B 154 -18.05 13.07 -1.76
N PHE B 155 -17.87 13.90 -0.72
CA PHE B 155 -18.73 13.90 0.49
C PHE B 155 -20.17 14.26 0.10
N GLY B 156 -20.33 15.18 -0.86
CA GLY B 156 -21.63 15.59 -1.42
C GLY B 156 -22.36 14.43 -2.07
N MET B 157 -21.63 13.58 -2.81
CA MET B 157 -22.19 12.36 -3.44
C MET B 157 -22.83 11.46 -2.37
N LEU B 158 -22.15 11.29 -1.23
CA LEU B 158 -22.60 10.43 -0.10
C LEU B 158 -23.77 11.08 0.63
N LYS B 159 -23.62 12.35 1.04
CA LYS B 159 -24.63 13.11 1.83
C LYS B 159 -25.96 13.16 1.07
N ASP B 160 -25.92 13.50 -0.22
CA ASP B 160 -27.10 13.51 -1.13
C ASP B 160 -27.24 12.12 -1.74
N GLY B 161 -28.13 11.96 -2.74
CA GLY B 161 -28.46 10.63 -3.31
C GLY B 161 -27.48 10.18 -4.38
N MET B 162 -26.54 11.03 -4.78
CA MET B 162 -25.88 11.00 -6.12
C MET B 162 -25.12 9.67 -6.36
N VAL B 163 -25.19 8.70 -5.44
CA VAL B 163 -24.67 7.32 -5.65
C VAL B 163 -25.64 6.33 -4.99
N ALA B 164 -25.89 5.19 -5.65
CA ALA B 164 -26.65 4.04 -5.09
C ALA B 164 -25.73 3.28 -4.14
N ASP B 165 -26.23 2.94 -2.95
CA ASP B 165 -25.45 2.30 -1.86
C ASP B 165 -24.42 3.30 -1.34
N VAL B 166 -24.89 4.33 -0.64
CA VAL B 166 -24.06 5.33 0.11
C VAL B 166 -23.12 4.57 1.05
N GLU B 167 -23.64 3.58 1.78
CA GLU B 167 -22.91 2.86 2.88
C GLU B 167 -21.66 2.17 2.30
N ALA B 168 -21.76 1.52 1.13
CA ALA B 168 -20.69 0.70 0.53
C ALA B 168 -19.59 1.61 -0.05
N THR B 169 -20.00 2.74 -0.64
CA THR B 169 -19.09 3.81 -1.14
C THR B 169 -18.36 4.46 0.04
N ALA B 170 -19.08 4.72 1.14
CA ALA B 170 -18.53 5.27 2.39
C ALA B 170 -17.50 4.31 2.97
N MET B 171 -17.80 3.00 2.97
CA MET B 171 -16.88 1.93 3.47
C MET B 171 -15.61 1.93 2.62
N SER B 172 -15.78 2.00 1.29
CA SER B 172 -14.68 2.02 0.29
C SER B 172 -13.76 3.20 0.56
N ILE B 173 -14.32 4.39 0.75
CA ILE B 173 -13.54 5.65 0.95
C ILE B 173 -12.80 5.56 2.29
N LEU B 174 -13.45 5.03 3.34
CA LEU B 174 -12.85 4.92 4.70
C LEU B 174 -11.71 3.89 4.69
N THR B 175 -11.86 2.77 3.99
CA THR B 175 -10.84 1.69 3.91
C THR B 175 -10.07 1.85 2.60
N SER B 176 -9.59 3.06 2.30
CA SER B 176 -8.81 3.37 1.08
C SER B 176 -7.37 3.67 1.48
N LYS B 177 -6.45 3.48 0.53
CA LYS B 177 -4.97 3.59 0.70
C LYS B 177 -4.45 4.47 -0.43
N PRO B 178 -3.62 5.51 -0.13
CA PRO B 178 -3.02 6.32 -1.18
C PRO B 178 -2.01 5.52 -2.02
N VAL B 179 -2.04 5.71 -3.33
CA VAL B 179 -1.12 5.07 -4.33
C VAL B 179 0.06 6.01 -4.58
N LEU B 180 -0.17 7.32 -4.52
CA LEU B 180 0.89 8.36 -4.62
C LEU B 180 1.24 8.80 -3.19
N PRO B 181 2.38 9.47 -2.93
CA PRO B 181 2.71 9.91 -1.57
C PRO B 181 1.89 11.14 -1.16
N ARG B 182 0.57 11.06 -1.29
CA ARG B 182 -0.38 12.20 -1.15
C ARG B 182 -1.67 11.66 -0.55
N TYR B 183 -2.04 12.14 0.64
CA TYR B 183 -3.04 11.49 1.52
C TYR B 183 -3.91 12.51 2.27
N GLU B 184 -3.55 13.80 2.28
CA GLU B 184 -4.22 14.83 3.13
C GLU B 184 -5.67 15.03 2.69
N CYS B 185 -5.95 15.06 1.39
CA CYS B 185 -7.34 15.22 0.86
C CYS B 185 -8.16 13.97 1.21
N GLY B 186 -7.56 12.80 1.12
CA GLY B 186 -8.14 11.53 1.63
C GLY B 186 -8.53 11.68 3.09
N GLU B 187 -7.63 12.26 3.90
CA GLU B 187 -7.86 12.44 5.36
C GLU B 187 -9.04 13.40 5.55
N GLU B 188 -9.05 14.51 4.82
CA GLU B 188 -10.14 15.52 4.83
C GLU B 188 -11.47 14.83 4.49
N LEU B 189 -11.50 14.00 3.44
CA LEU B 189 -12.74 13.31 3.00
C LEU B 189 -13.24 12.35 4.10
N ARG B 190 -12.34 11.53 4.67
CA ARG B 190 -12.67 10.55 5.73
C ARG B 190 -13.18 11.27 6.98
N ASP B 191 -12.61 12.43 7.31
CA ASP B 191 -12.99 13.23 8.50
C ASP B 191 -14.39 13.84 8.30
N LYS B 192 -14.76 14.20 7.06
CA LYS B 192 -16.11 14.74 6.73
C LYS B 192 -17.15 13.63 6.89
N ILE B 193 -16.87 12.41 6.42
CA ILE B 193 -17.78 11.23 6.52
C ILE B 193 -18.01 10.90 8.00
N LYS B 194 -16.93 10.87 8.80
CA LYS B 194 -16.97 10.61 10.27
C LYS B 194 -17.61 11.78 11.04
N GLN B 195 -17.61 12.99 10.47
CA GLN B 195 -18.23 14.20 11.06
C GLN B 195 -19.75 14.16 10.90
N GLU B 196 -20.23 13.65 9.76
CA GLU B 196 -21.66 13.73 9.33
C GLU B 196 -22.54 13.06 10.38
N PRO B 197 -23.41 13.81 11.09
CA PRO B 197 -24.32 13.22 12.07
C PRO B 197 -25.22 12.09 11.52
N SER B 198 -25.65 12.18 10.25
CA SER B 198 -26.53 11.18 9.59
C SER B 198 -25.75 9.89 9.25
N PHE B 199 -24.42 9.91 9.34
CA PHE B 199 -23.53 8.73 9.13
C PHE B 199 -23.04 8.19 10.47
N SER B 200 -23.43 8.84 11.57
CA SER B 200 -22.84 8.67 12.92
C SER B 200 -22.65 7.19 13.25
N ASN B 201 -23.71 6.39 13.15
CA ASN B 201 -23.74 5.00 13.69
C ASN B 201 -23.46 3.98 12.57
N MET B 202 -23.30 4.40 11.31
CA MET B 202 -22.92 3.49 10.21
C MET B 202 -21.38 3.40 10.11
N VAL B 203 -20.66 4.24 10.86
CA VAL B 203 -19.17 4.34 10.85
C VAL B 203 -18.61 3.98 12.23
N SER B 204 -19.43 3.46 13.14
CA SER B 204 -19.06 3.12 14.54
C SER B 204 -18.47 1.70 14.62
N ALA B 205 -17.65 1.44 15.64
CA ALA B 205 -17.01 0.13 15.91
C ALA B 205 -18.09 -0.93 16.15
N LYS B 206 -19.14 -0.57 16.90
CA LYS B 206 -20.32 -1.42 17.20
C LYS B 206 -20.92 -1.94 15.88
N LYS B 207 -21.18 -1.05 14.92
CA LYS B 207 -21.78 -1.36 13.60
C LYS B 207 -20.91 -2.41 12.90
N PHE B 208 -19.59 -2.17 12.82
CA PHE B 208 -18.62 -3.08 12.15
C PHE B 208 -18.62 -4.45 12.83
N TYR B 209 -18.64 -4.49 14.17
CA TYR B 209 -18.65 -5.76 14.95
C TYR B 209 -19.96 -6.51 14.66
N ASN B 210 -21.07 -5.77 14.59
CA ASN B 210 -22.42 -6.34 14.40
C ASN B 210 -22.54 -6.93 12.99
N LYS B 211 -21.94 -6.30 11.98
CA LYS B 211 -21.89 -6.84 10.59
C LYS B 211 -21.19 -8.21 10.61
N ALA B 212 -20.08 -8.35 11.33
CA ALA B 212 -19.34 -9.62 11.50
C ALA B 212 -20.24 -10.66 12.20
N ILE B 213 -21.06 -10.22 13.16
CA ILE B 213 -21.90 -11.10 14.04
C ILE B 213 -23.23 -11.43 13.36
N LYS B 214 -23.93 -10.42 12.83
CA LYS B 214 -25.38 -10.48 12.46
C LYS B 214 -25.56 -10.58 10.94
N ASP B 215 -24.81 -9.80 10.15
CA ASP B 215 -24.92 -9.79 8.67
C ASP B 215 -24.25 -11.05 8.12
N PHE B 216 -22.92 -11.15 8.25
CA PHE B 216 -22.08 -12.25 7.71
C PHE B 216 -22.07 -13.38 8.73
N THR B 217 -23.20 -14.08 8.80
CA THR B 217 -23.50 -15.13 9.79
C THR B 217 -22.93 -16.47 9.29
N ALA B 218 -22.94 -17.49 10.16
CA ALA B 218 -22.40 -18.84 9.90
C ALA B 218 -23.23 -19.54 8.84
N PRO B 219 -22.67 -20.55 8.11
CA PRO B 219 -23.45 -21.32 7.14
C PRO B 219 -24.50 -22.19 7.85
N LYS B 220 -25.67 -22.35 7.23
CA LYS B 220 -26.79 -23.19 7.72
C LYS B 220 -26.27 -24.59 8.07
N GLU B 221 -26.92 -25.26 9.04
CA GLU B 221 -26.59 -26.64 9.47
C GLU B 221 -26.81 -27.59 8.28
N GLY B 222 -25.91 -28.56 8.10
CA GLY B 222 -25.98 -29.56 7.01
C GLY B 222 -25.45 -29.03 5.69
N ALA B 223 -24.96 -27.79 5.63
CA ALA B 223 -24.41 -27.19 4.40
C ALA B 223 -23.23 -28.05 3.92
N GLU B 224 -23.17 -28.37 2.63
CA GLU B 224 -22.04 -29.10 2.00
C GLU B 224 -21.03 -28.10 1.42
N VAL B 225 -21.53 -26.93 1.00
CA VAL B 225 -20.76 -25.88 0.28
C VAL B 225 -20.81 -24.59 1.12
N VAL B 226 -19.69 -23.86 1.19
CA VAL B 226 -19.58 -22.54 1.86
C VAL B 226 -18.73 -21.62 0.99
N SER B 227 -18.67 -20.34 1.35
CA SER B 227 -17.93 -19.27 0.65
C SER B 227 -16.79 -18.79 1.54
N VAL B 228 -15.55 -18.88 1.07
CA VAL B 228 -14.35 -18.40 1.81
C VAL B 228 -14.46 -16.88 1.94
N LYS B 229 -15.28 -16.24 1.10
CA LYS B 229 -15.57 -14.79 1.17
C LYS B 229 -16.65 -14.53 2.24
N THR B 230 -17.87 -14.99 2.01
CA THR B 230 -19.08 -14.63 2.80
C THR B 230 -18.95 -15.12 4.25
N HIS B 231 -18.47 -16.34 4.45
CA HIS B 231 -18.52 -17.04 5.77
C HIS B 231 -17.20 -16.90 6.53
N ILE B 232 -16.13 -16.42 5.90
CA ILE B 232 -14.78 -16.38 6.55
C ILE B 232 -14.15 -14.98 6.39
N MET B 233 -13.85 -14.55 5.16
CA MET B 233 -13.03 -13.31 4.94
C MET B 233 -13.83 -12.06 5.32
N ARG B 234 -15.15 -12.03 5.07
CA ARG B 234 -15.99 -10.85 5.39
C ARG B 234 -16.10 -10.66 6.91
N PRO B 235 -16.53 -11.68 7.69
CA PRO B 235 -16.56 -11.55 9.15
C PRO B 235 -15.23 -11.05 9.74
N ILE B 236 -14.10 -11.59 9.25
CA ILE B 236 -12.73 -11.20 9.68
C ILE B 236 -12.51 -9.72 9.38
N ASP B 237 -12.80 -9.31 8.14
CA ASP B 237 -12.63 -7.92 7.65
C ASP B 237 -13.35 -6.95 8.60
N PHE B 238 -14.60 -7.27 8.95
CA PHE B 238 -15.47 -6.39 9.76
C PHE B 238 -15.00 -6.40 11.22
N MET B 239 -14.48 -7.53 11.71
CA MET B 239 -13.91 -7.64 13.07
C MET B 239 -12.69 -6.70 13.16
N LEU B 240 -11.85 -6.69 12.13
CA LEU B 240 -10.61 -5.87 12.07
C LEU B 240 -10.97 -4.38 11.92
N MET B 241 -12.00 -4.05 11.14
CA MET B 241 -12.50 -2.66 11.03
C MET B 241 -13.01 -2.20 12.40
N GLY B 242 -13.72 -3.08 13.10
CA GLY B 242 -14.23 -2.84 14.46
C GLY B 242 -13.11 -2.47 15.41
N LEU B 243 -12.06 -3.30 15.46
CA LEU B 243 -10.86 -3.10 16.32
C LEU B 243 -10.14 -1.80 15.94
N ARG B 244 -9.97 -1.53 14.64
CA ARG B 244 -9.22 -0.33 14.17
C ARG B 244 -9.97 0.93 14.62
N GLU B 245 -11.31 0.90 14.55
CA GLU B 245 -12.19 2.02 14.94
C GLU B 245 -12.12 2.21 16.47
N GLU B 246 -12.24 1.11 17.21
CA GLU B 246 -12.25 1.10 18.71
C GLU B 246 -10.94 1.68 19.26
N PHE B 247 -9.82 1.42 18.61
CA PHE B 247 -8.46 1.72 19.12
C PHE B 247 -7.80 2.84 18.31
N ASN B 248 -8.52 3.47 17.38
CA ASN B 248 -8.04 4.62 16.55
C ASN B 248 -6.74 4.22 15.82
N LEU B 249 -6.66 3.04 15.23
CA LEU B 249 -5.43 2.57 14.54
C LEU B 249 -5.39 3.17 13.13
N TYR B 250 -4.30 3.87 12.81
CA TYR B 250 -4.15 4.63 11.54
C TYR B 250 -2.67 4.81 11.20
N SER B 251 -2.37 4.73 9.91
CA SER B 251 -1.08 5.08 9.29
C SER B 251 -1.40 5.84 8.00
N GLU B 252 -0.68 6.93 7.72
CA GLU B 252 -0.87 7.79 6.52
C GLU B 252 -0.70 6.96 5.24
N ASP B 253 0.16 5.94 5.28
CA ASP B 253 0.50 5.06 4.13
C ASP B 253 -0.54 3.94 3.96
N GLY B 254 -1.51 3.83 4.87
CA GLY B 254 -2.55 2.77 4.82
C GLY B 254 -2.06 1.44 5.35
N ALA B 255 -0.88 1.39 6.01
CA ALA B 255 -0.26 0.15 6.52
C ALA B 255 -1.21 -0.56 7.50
N HIS B 256 -2.09 0.19 8.17
CA HIS B 256 -3.07 -0.30 9.19
C HIS B 256 -4.18 -1.15 8.54
N LEU B 257 -4.44 -1.00 7.24
CA LEU B 257 -5.65 -1.55 6.57
C LEU B 257 -5.53 -3.06 6.35
N SER B 258 -4.31 -3.58 6.20
CA SER B 258 -4.06 -5.03 6.05
C SER B 258 -4.32 -5.72 7.40
N ALA B 259 -4.69 -7.00 7.38
CA ALA B 259 -4.86 -7.80 8.61
C ALA B 259 -3.54 -7.83 9.39
N PRO B 260 -2.38 -8.10 8.74
CA PRO B 260 -1.10 -8.11 9.43
C PRO B 260 -0.74 -6.74 10.03
N GLY B 261 -1.09 -5.67 9.31
CA GLY B 261 -0.90 -4.28 9.77
C GLY B 261 -1.66 -4.01 11.05
N THR B 262 -2.94 -4.39 11.08
CA THR B 262 -3.82 -4.26 12.28
C THR B 262 -3.24 -5.14 13.40
N ILE B 263 -2.92 -6.40 13.10
CA ILE B 263 -2.36 -7.39 14.08
C ILE B 263 -1.05 -6.86 14.69
N ARG B 264 -0.15 -6.30 13.88
CA ARG B 264 1.13 -5.68 14.33
C ARG B 264 0.81 -4.64 15.42
N LEU B 265 -0.18 -3.78 15.18
CA LEU B 265 -0.58 -2.66 16.10
C LEU B 265 -1.27 -3.20 17.35
N LEU B 266 -2.15 -4.20 17.21
CA LEU B 266 -2.81 -4.85 18.36
C LEU B 266 -1.75 -5.44 19.27
N ARG B 267 -0.69 -6.03 18.72
CA ARG B 267 0.41 -6.68 19.48
C ARG B 267 1.32 -5.62 20.12
N GLU B 268 1.72 -4.60 19.36
N GLU B 268 1.69 -4.57 19.39
CA GLU B 268 2.63 -3.51 19.79
CA GLU B 268 2.68 -3.57 19.84
C GLU B 268 2.09 -2.89 21.09
C GLU B 268 2.11 -2.72 21.00
N LYS B 269 0.78 -2.62 21.13
CA LYS B 269 0.14 -1.83 22.22
C LYS B 269 -0.64 -2.76 23.16
N ASN B 270 -0.51 -4.08 23.01
CA ASN B 270 -1.16 -5.08 23.87
C ASN B 270 -2.64 -4.68 24.03
N LEU B 271 -3.33 -4.45 22.91
CA LEU B 271 -4.73 -3.94 22.88
C LEU B 271 -5.73 -5.10 22.91
N LEU B 272 -5.27 -6.33 22.68
CA LEU B 272 -6.09 -7.57 22.65
C LEU B 272 -5.22 -8.71 23.16
N PRO B 273 -5.75 -9.66 23.95
CA PRO B 273 -4.98 -10.83 24.36
C PRO B 273 -4.38 -11.58 23.15
N GLU B 274 -3.15 -12.07 23.29
CA GLU B 274 -2.38 -12.75 22.20
C GLU B 274 -3.22 -13.90 21.64
N GLU B 275 -3.82 -14.71 22.52
CA GLU B 275 -4.62 -15.90 22.13
C GLU B 275 -5.64 -15.49 21.05
N GLN B 276 -6.30 -14.34 21.23
CA GLN B 276 -7.36 -13.83 20.33
C GLN B 276 -6.74 -13.29 19.03
N ILE B 277 -5.63 -12.56 19.13
CA ILE B 277 -4.89 -12.00 17.96
C ILE B 277 -4.42 -13.17 17.10
N ALA B 278 -3.88 -14.23 17.71
CA ALA B 278 -3.30 -15.41 17.03
C ALA B 278 -4.41 -16.15 16.27
N ARG B 279 -5.59 -16.29 16.89
CA ARG B 279 -6.78 -16.92 16.25
C ARG B 279 -7.12 -16.14 14.97
N ILE B 280 -7.27 -14.82 15.06
CA ILE B 280 -7.62 -13.95 13.89
C ILE B 280 -6.53 -14.14 12.81
N GLU B 281 -5.27 -14.08 13.23
CA GLU B 281 -4.10 -14.21 12.32
C GLU B 281 -4.14 -15.58 11.62
N SER B 282 -4.35 -16.65 12.38
CA SER B 282 -4.33 -18.03 11.84
C SER B 282 -5.41 -18.17 10.75
N VAL B 283 -6.65 -17.77 11.04
CA VAL B 283 -7.81 -17.98 10.12
C VAL B 283 -7.63 -17.07 8.90
N TYR B 284 -7.15 -15.84 9.09
CA TYR B 284 -6.85 -14.89 7.98
C TYR B 284 -5.88 -15.55 7.00
N ASN B 285 -4.78 -16.12 7.49
CA ASN B 285 -3.72 -16.72 6.63
C ASN B 285 -4.25 -17.98 5.94
N GLN B 286 -4.98 -18.84 6.66
CA GLN B 286 -5.59 -20.06 6.08
C GLN B 286 -6.57 -19.67 4.97
N ALA B 287 -7.44 -18.70 5.23
CA ALA B 287 -8.55 -18.30 4.32
C ALA B 287 -7.96 -17.65 3.06
N MET B 288 -7.00 -16.74 3.23
CA MET B 288 -6.35 -16.02 2.10
C MET B 288 -5.51 -17.00 1.27
N SER B 289 -4.78 -17.93 1.88
CA SER B 289 -4.08 -19.02 1.15
C SER B 289 -5.08 -19.76 0.27
N LYS B 290 -6.21 -20.17 0.87
CA LYS B 290 -7.27 -20.92 0.15
C LYS B 290 -7.84 -20.04 -0.97
N ARG B 291 -8.19 -18.80 -0.66
CA ARG B 291 -8.91 -17.91 -1.61
C ARG B 291 -7.98 -17.56 -2.78
N PHE B 292 -6.71 -17.28 -2.49
CA PHE B 292 -5.68 -16.99 -3.52
C PHE B 292 -5.53 -18.20 -4.44
N GLU B 293 -5.47 -19.41 -3.88
CA GLU B 293 -5.33 -20.69 -4.63
C GLU B 293 -6.54 -20.88 -5.55
N LEU B 294 -7.74 -20.76 -4.99
CA LEU B 294 -9.00 -20.99 -5.73
C LEU B 294 -9.09 -20.06 -6.96
N HIS B 295 -8.83 -18.77 -6.79
CA HIS B 295 -8.89 -17.83 -7.93
C HIS B 295 -7.86 -18.18 -9.00
N ALA B 296 -6.63 -18.49 -8.59
CA ALA B 296 -5.56 -18.82 -9.54
C ALA B 296 -5.93 -20.08 -10.32
N GLU B 297 -6.46 -21.09 -9.63
CA GLU B 297 -6.84 -22.39 -10.24
C GLU B 297 -7.95 -22.20 -11.29
N HIS B 298 -8.96 -21.39 -10.98
CA HIS B 298 -10.11 -21.18 -11.91
C HIS B 298 -9.92 -19.98 -12.82
N LYS B 299 -8.91 -19.14 -12.56
CA LYS B 299 -8.65 -17.88 -13.33
C LYS B 299 -9.86 -16.95 -13.28
N LYS B 300 -10.56 -16.90 -12.14
CA LYS B 300 -11.77 -16.09 -11.90
C LYS B 300 -12.07 -16.05 -10.40
N GLU B 301 -13.08 -15.29 -9.98
CA GLU B 301 -13.40 -15.20 -8.54
C GLU B 301 -14.24 -16.40 -8.09
N HIS B 302 -13.56 -17.50 -7.77
CA HIS B 302 -14.20 -18.76 -7.28
C HIS B 302 -14.01 -18.84 -5.76
N ASP B 303 -15.06 -18.55 -5.01
CA ASP B 303 -15.03 -18.49 -3.51
C ASP B 303 -15.68 -19.72 -2.86
N GLU B 304 -16.40 -20.56 -3.61
CA GLU B 304 -17.10 -21.73 -3.01
C GLU B 304 -16.08 -22.84 -2.74
N MET B 305 -16.18 -23.49 -1.59
CA MET B 305 -15.33 -24.65 -1.21
C MET B 305 -16.17 -25.63 -0.39
N PRO B 306 -15.82 -26.93 -0.34
CA PRO B 306 -16.54 -27.88 0.49
C PRO B 306 -16.54 -27.45 1.97
N TYR B 307 -17.70 -27.56 2.63
CA TYR B 307 -17.86 -27.30 4.08
C TYR B 307 -16.78 -28.07 4.85
N SER B 308 -16.49 -29.31 4.45
CA SER B 308 -15.53 -30.22 5.13
C SER B 308 -14.11 -29.60 5.11
N ASP B 309 -13.72 -28.97 4.00
CA ASP B 309 -12.42 -28.27 3.85
C ASP B 309 -12.38 -27.02 4.74
N ALA B 310 -13.53 -26.37 4.94
CA ALA B 310 -13.65 -25.07 5.64
C ALA B 310 -13.85 -25.26 7.15
N LYS B 311 -14.04 -26.49 7.63
CA LYS B 311 -14.55 -26.80 9.00
C LYS B 311 -13.70 -26.12 10.07
N ALA B 312 -12.37 -26.29 10.04
CA ALA B 312 -11.44 -25.74 11.05
C ALA B 312 -11.56 -24.21 11.08
N MET B 313 -11.62 -23.56 9.92
CA MET B 313 -11.71 -22.08 9.81
C MET B 313 -13.06 -21.61 10.36
N LEU B 314 -14.16 -22.26 9.96
CA LEU B 314 -15.54 -21.91 10.38
C LEU B 314 -15.66 -21.96 11.91
N ASP B 315 -15.04 -22.96 12.56
CA ASP B 315 -15.09 -23.13 14.05
C ASP B 315 -14.32 -21.99 14.71
N GLU B 316 -13.18 -21.59 14.15
CA GLU B 316 -12.36 -20.45 14.66
C GLU B 316 -13.15 -19.16 14.44
N VAL B 317 -13.85 -19.04 13.30
CA VAL B 317 -14.64 -17.83 12.95
C VAL B 317 -15.79 -17.68 13.96
N ALA B 318 -16.38 -18.79 14.40
CA ALA B 318 -17.49 -18.83 15.39
C ALA B 318 -16.99 -18.30 16.74
N LYS B 319 -15.78 -18.71 17.18
CA LYS B 319 -15.14 -18.20 18.43
C LYS B 319 -14.90 -16.70 18.29
N ILE B 320 -14.42 -16.26 17.13
CA ILE B 320 -14.17 -14.81 16.84
C ILE B 320 -15.49 -14.04 16.95
N ARG B 321 -16.62 -14.63 16.51
CA ARG B 321 -17.96 -13.98 16.63
C ARG B 321 -18.35 -13.83 18.10
N GLU B 322 -18.13 -14.87 18.91
CA GLU B 322 -18.38 -14.85 20.38
C GLU B 322 -17.62 -13.68 21.01
N LEU B 323 -16.32 -13.59 20.74
CA LEU B 323 -15.45 -12.43 21.08
C LEU B 323 -16.18 -11.12 20.70
N GLY B 324 -16.57 -10.99 19.43
CA GLY B 324 -17.23 -9.79 18.87
C GLY B 324 -18.46 -9.39 19.69
N VAL B 325 -19.27 -10.36 20.11
CA VAL B 325 -20.50 -10.13 20.92
C VAL B 325 -20.10 -9.51 22.27
N GLN B 326 -18.99 -9.98 22.84
CA GLN B 326 -18.49 -9.50 24.16
C GLN B 326 -17.99 -8.05 24.02
N ARG B 327 -17.30 -7.74 22.93
CA ARG B 327 -16.78 -6.37 22.65
C ARG B 327 -17.95 -5.39 22.56
N VAL B 328 -19.03 -5.75 21.85
CA VAL B 328 -20.23 -4.88 21.65
C VAL B 328 -20.86 -4.61 23.03
N THR B 329 -21.04 -5.65 23.85
CA THR B 329 -21.54 -5.55 25.24
C THR B 329 -20.64 -4.60 26.04
N ARG B 330 -19.33 -4.87 26.04
CA ARG B 330 -18.32 -4.09 26.81
C ARG B 330 -18.33 -2.63 26.35
N ILE B 331 -18.55 -2.37 25.06
CA ILE B 331 -18.68 -1.00 24.49
C ILE B 331 -19.94 -0.32 25.04
N GLU B 332 -21.09 -1.02 25.02
CA GLU B 332 -22.37 -0.50 25.56
C GLU B 332 -22.21 -0.22 27.06
N ASN B 333 -21.54 -1.12 27.77
CA ASN B 333 -21.32 -1.07 29.24
C ASN B 333 -20.35 0.07 29.58
N LEU B 334 -19.36 0.32 28.72
CA LEU B 334 -18.35 1.40 28.90
C LEU B 334 -19.06 2.77 28.83
N GLU B 335 -20.00 2.93 27.89
CA GLU B 335 -20.74 4.19 27.64
C GLU B 335 -21.77 4.44 28.76
N ASN B 336 -22.09 3.41 29.54
CA ASN B 336 -23.05 3.49 30.68
C ASN B 336 -22.31 3.81 31.98
N ALA B 337 -21.12 3.22 32.19
CA ALA B 337 -20.25 3.50 33.36
C ALA B 337 -20.93 3.32 34.73
N LYS B 338 -21.40 2.10 35.05
CA LYS B 338 -22.00 1.81 36.38
C LYS B 338 -20.91 1.92 37.47
N LYS B 339 -21.16 2.71 38.52
CA LYS B 339 -20.24 2.96 39.66
C LYS B 339 -20.53 1.95 40.79
N LEU B 340 -19.92 2.15 41.97
CA LEU B 340 -19.98 1.23 43.14
C LEU B 340 -19.22 -0.06 42.82
MG MG C . 12.42 0.21 -4.96
PG GNP D . 14.34 0.28 -7.64
O1G GNP D . 14.25 -0.27 -9.05
O2G GNP D . 12.99 0.44 -6.99
O3G GNP D . 15.17 1.54 -7.55
N3B GNP D . 15.13 -0.87 -6.78
PB GNP D . 15.54 -0.89 -5.24
O1B GNP D . 16.82 -0.14 -5.03
O2B GNP D . 14.32 -0.48 -4.47
O3A GNP D . 15.84 -2.44 -4.96
PA GNP D . 14.94 -3.53 -4.20
O1A GNP D . 14.76 -3.11 -2.77
O2A GNP D . 13.72 -3.75 -5.02
O5' GNP D . 15.90 -4.81 -4.25
C5' GNP D . 16.34 -5.33 -5.53
C4' GNP D . 16.77 -6.77 -5.36
O4' GNP D . 17.87 -6.84 -4.41
C3' GNP D . 15.71 -7.74 -4.82
O3' GNP D . 15.83 -9.01 -5.43
C2' GNP D . 16.02 -7.81 -3.33
O2' GNP D . 15.60 -9.01 -2.73
C1' GNP D . 17.55 -7.71 -3.36
N9 GNP D . 18.11 -7.18 -2.12
C8 GNP D . 17.79 -6.00 -1.50
N7 GNP D . 18.43 -5.79 -0.38
C5 GNP D . 19.24 -6.92 -0.25
C6 GNP D . 20.17 -7.27 0.77
O6 GNP D . 20.47 -6.63 1.79
N1 GNP D . 20.77 -8.50 0.51
C2 GNP D . 20.52 -9.29 -0.59
N2 GNP D . 21.20 -10.45 -0.66
N3 GNP D . 19.64 -8.98 -1.54
C4 GNP D . 19.05 -7.79 -1.31
C1 GLC E . 30.87 -6.28 6.75
C2 GLC E . 30.36 -7.72 6.60
C3 GLC E . 29.01 -7.89 7.30
C4 GLC E . 29.17 -7.42 8.75
C5 GLC E . 29.55 -5.95 8.70
C6 GLC E . 29.57 -5.27 10.07
O1 GLC E . 30.10 -5.37 5.97
O2 GLC E . 30.24 -8.08 5.22
O3 GLC E . 28.52 -9.24 7.23
O4 GLC E . 27.98 -7.66 9.50
O5 GLC E . 30.85 -5.84 8.11
O6 GLC E . 28.73 -4.11 10.03
C18 LJN F . 3.99 16.29 -4.04
C19 LJN F . 3.73 16.56 -2.57
C20 LJN F . 3.70 15.28 -1.75
C21 LJN F . 2.75 15.58 -0.61
C22 LJN F . 2.08 16.89 -1.00
C29 LJN F . -1.55 17.21 -0.71
C30 LJN F . -0.32 17.82 -0.89
C31 LJN F . -2.85 17.93 -0.67
C33 LJN F . -4.85 17.62 -1.98
C56 LJN F . -5.98 16.71 -2.42
N26 LJN F . 0.60 16.86 -0.88
N27 LJN F . 0.00 15.61 -0.68
N28 LJN F . -1.37 15.87 -0.58
N32 LJN F . -3.88 17.09 -1.24
O15 LJN F . 5.11 14.38 -6.40
O17 LJN F . 5.12 15.42 -4.11
O23 LJN F . 2.46 17.19 -2.35
O24 LJN F . 5.01 14.92 -1.30
O25 LJN F . 3.41 15.67 0.66
O35 LJN F . -4.84 18.80 -2.29
P14 LJN F . 5.06 14.04 -4.92
O1 LJN F . 3.74 13.36 -4.64
S SO4 G . 20.98 -2.85 14.02
O1 SO4 G . 20.79 -1.83 13.03
O2 SO4 G . 21.68 -2.29 15.15
O3 SO4 G . 21.75 -3.92 13.45
O4 SO4 G . 19.70 -3.36 14.45
S SO4 H . 16.82 2.83 -16.31
O1 SO4 H . 17.54 2.88 -15.06
O2 SO4 H . 17.72 3.17 -17.38
O3 SO4 H . 16.29 1.52 -16.51
O4 SO4 H . 15.74 3.78 -16.27
C1 GLC I . -14.53 -3.42 3.49
C2 GLC I . -15.90 -3.59 2.85
C3 GLC I . -16.11 -5.02 2.32
C4 GLC I . -14.90 -5.94 2.43
C5 GLC I . -13.53 -5.27 2.32
C6 GLC I . -12.88 -5.54 0.97
O1 GLC I . -14.41 -4.17 4.70
O2 GLC I . -16.91 -3.26 3.80
O3 GLC I . -16.47 -4.94 0.94
O4 GLC I . -14.95 -6.62 3.70
O5 GLC I . -13.58 -3.85 2.51
O6 GLC I . -11.92 -6.60 1.13
C1 GLC J . -10.94 5.61 9.66
C2 GLC J . -10.12 4.86 8.63
C3 GLC J . -9.76 3.49 9.19
C4 GLC J . -8.98 3.69 10.48
C5 GLC J . -9.74 4.56 11.48
C6 GLC J . -8.83 4.91 12.66
O1 GLC J . -12.17 4.92 9.90
O2 GLC J . -10.91 4.73 7.46
O3 GLC J . -9.00 2.75 8.23
O4 GLC J . -8.72 2.41 11.05
O5 GLC J . -10.19 5.77 10.87
O6 GLC J . -9.36 6.03 13.39
S SO4 K . -9.19 5.93 -30.89
O1 SO4 K . -8.78 6.24 -29.54
O2 SO4 K . -9.03 7.10 -31.72
O3 SO4 K . -8.38 4.87 -31.41
O4 SO4 K . -10.58 5.53 -30.89
S SO4 L . -1.23 4.43 -30.56
O1 SO4 L . -0.03 3.63 -30.58
O2 SO4 L . -0.87 5.81 -30.78
O3 SO4 L . -1.88 4.29 -29.29
O4 SO4 L . -2.11 4.00 -31.62
S SO4 M . -13.49 -8.80 -2.98
O1 SO4 M . -14.22 -7.58 -3.23
O2 SO4 M . -12.22 -8.74 -3.65
O3 SO4 M . -13.29 -8.94 -1.56
O4 SO4 M . -14.24 -9.92 -3.46
#